data_2M7J
#
_entry.id   2M7J
#
_entity_poly.entity_id   1
_entity_poly.type   'polypeptide(L)'
_entity_poly.pdbx_seq_one_letter_code
;TWLKKRRWKKAK(DPR)P
;
_entity_poly.pdbx_strand_id   A
#
# COMPACT_ATOMS: atom_id res chain seq x y z
N THR A 1 -1.79 5.91 -3.86
CA THR A 1 -1.37 4.85 -4.76
C THR A 1 -0.87 3.63 -3.97
N TRP A 2 -1.47 2.49 -4.26
CA TRP A 2 -1.10 1.26 -3.58
C TRP A 2 0.42 1.09 -3.71
N LEU A 3 0.89 -0.03 -3.19
CA LEU A 3 2.33 -0.32 -3.23
C LEU A 3 2.60 -1.62 -2.48
N LYS A 4 2.19 -1.64 -1.22
CA LYS A 4 2.39 -2.80 -0.38
C LYS A 4 3.88 -3.09 -0.24
N LYS A 5 4.42 -2.73 0.91
CA LYS A 5 5.84 -2.94 1.17
C LYS A 5 6.06 -3.02 2.68
N ARG A 6 5.61 -1.98 3.37
CA ARG A 6 5.76 -1.92 4.81
C ARG A 6 4.48 -1.35 5.46
N ARG A 7 3.60 -2.26 5.85
CA ARG A 7 2.35 -1.86 6.47
C ARG A 7 1.31 -1.53 5.41
N TRP A 8 1.80 -1.30 4.20
CA TRP A 8 0.93 -0.97 3.08
C TRP A 8 0.32 -2.28 2.56
N LYS A 9 -0.89 -2.16 2.02
CA LYS A 9 -1.58 -3.31 1.48
C LYS A 9 -2.23 -2.93 0.14
N LYS A 10 -3.37 -3.53 -0.12
CA LYS A 10 -4.09 -3.27 -1.35
C LYS A 10 -4.24 -1.77 -1.55
N ALA A 11 -4.89 -1.39 -2.64
CA ALA A 11 -5.09 0.01 -2.96
C ALA A 11 -5.44 0.77 -1.67
N LYS A 12 -4.67 1.81 -1.42
CA LYS A 12 -4.88 2.62 -0.23
C LYS A 12 -4.50 4.07 -0.52
N PRO A 14 -3.35 7.48 -2.07
CA PRO A 14 -2.52 8.12 -3.12
C PRO A 14 -1.90 7.18 -4.22
N THR A 1 -1.46 6.20 -4.46
CA THR A 1 -0.66 5.10 -4.95
C THR A 1 -0.89 3.84 -4.12
N TRP A 2 -0.45 2.71 -4.66
CA TRP A 2 -0.61 1.44 -3.97
C TRP A 2 0.34 1.42 -2.79
N LEU A 3 1.58 1.79 -3.06
CA LEU A 3 2.61 1.82 -2.01
C LEU A 3 2.41 0.63 -1.08
N LYS A 4 2.96 -0.50 -1.47
CA LYS A 4 2.85 -1.71 -0.68
C LYS A 4 4.23 -2.37 -0.57
N LYS A 5 4.66 -2.55 0.68
CA LYS A 5 5.95 -3.15 0.95
C LYS A 5 5.78 -4.28 1.96
N ARG A 6 5.64 -3.90 3.21
CA ARG A 6 5.47 -4.86 4.29
C ARG A 6 4.80 -4.21 5.49
N ARG A 7 3.53 -3.85 5.30
CA ARG A 7 2.76 -3.21 6.35
C ARG A 7 1.63 -2.39 5.75
N TRP A 8 1.80 -2.01 4.50
CA TRP A 8 0.81 -1.22 3.81
C TRP A 8 -0.18 -2.17 3.14
N LYS A 9 0.12 -2.50 1.88
CA LYS A 9 -0.71 -3.40 1.12
C LYS A 9 -2.19 -3.08 1.41
N LYS A 10 -2.46 -1.81 1.63
CA LYS A 10 -3.81 -1.35 1.91
C LYS A 10 -4.47 -0.90 0.61
N ALA A 11 -3.62 -0.48 -0.33
CA ALA A 11 -4.12 -0.02 -1.61
C ALA A 11 -4.99 1.23 -1.41
N LYS A 12 -6.04 1.31 -2.21
CA LYS A 12 -6.95 2.44 -2.12
C LYS A 12 -6.17 3.74 -2.26
N PRO A 14 -4.26 7.30 -3.39
CA PRO A 14 -3.29 7.81 -4.41
C PRO A 14 -2.44 6.75 -5.18
N THR A 1 -3.10 5.50 -5.78
CA THR A 1 -2.27 4.42 -6.26
C THR A 1 -1.98 3.42 -5.14
N TRP A 2 -1.70 2.19 -5.52
CA TRP A 2 -1.41 1.15 -4.55
C TRP A 2 -0.30 1.66 -3.63
N LEU A 3 0.13 0.78 -2.73
CA LEU A 3 1.18 1.13 -1.79
C LEU A 3 1.48 -0.09 -0.91
N LYS A 4 2.69 -0.08 -0.35
CA LYS A 4 3.12 -1.17 0.51
C LYS A 4 4.39 -0.76 1.25
N LYS A 5 4.85 -1.65 2.11
CA LYS A 5 6.06 -1.40 2.88
C LYS A 5 6.59 -2.72 3.44
N ARG A 6 5.98 -3.15 4.54
CA ARG A 6 6.38 -4.39 5.17
C ARG A 6 5.16 -5.10 5.77
N ARG A 7 4.05 -5.01 5.05
CA ARG A 7 2.82 -5.64 5.49
C ARG A 7 1.61 -4.94 4.85
N TRP A 8 1.84 -3.70 4.45
CA TRP A 8 0.78 -2.91 3.83
C TRP A 8 0.71 -3.31 2.36
N LYS A 9 -0.51 -3.51 1.89
CA LYS A 9 -0.74 -3.90 0.50
C LYS A 9 -2.13 -3.41 0.07
N LYS A 10 -2.61 -2.39 0.76
CA LYS A 10 -3.91 -1.82 0.44
C LYS A 10 -3.78 -0.89 -0.76
N ALA A 11 -3.38 0.34 -0.47
CA ALA A 11 -3.21 1.34 -1.51
C ALA A 11 -3.18 2.73 -0.88
N LYS A 12 -4.37 3.25 -0.60
CA LYS A 12 -4.50 4.56 0.01
C LYS A 12 -4.55 5.62 -1.09
N PRO A 14 -4.74 7.59 -4.51
CA PRO A 14 -4.42 7.55 -5.97
C PRO A 14 -3.92 6.20 -6.57
N THR A 1 -1.65 5.97 -4.15
CA THR A 1 -0.55 6.03 -3.21
C THR A 1 -0.61 4.85 -2.25
N TRP A 2 -1.16 3.75 -2.73
CA TRP A 2 -1.27 2.54 -1.93
C TRP A 2 0.13 2.11 -1.51
N LEU A 3 0.93 1.77 -2.51
CA LEU A 3 2.29 1.33 -2.27
C LEU A 3 2.28 0.11 -1.35
N LYS A 4 3.41 -0.59 -1.33
CA LYS A 4 3.53 -1.78 -0.50
C LYS A 4 4.93 -1.82 0.11
N LYS A 5 5.50 -3.03 0.13
CA LYS A 5 6.83 -3.21 0.69
C LYS A 5 6.76 -3.13 2.21
N ARG A 6 5.64 -3.58 2.76
CA ARG A 6 5.44 -3.56 4.19
C ARG A 6 3.97 -3.83 4.52
N ARG A 7 3.61 -3.47 5.75
CA ARG A 7 2.23 -3.67 6.20
C ARG A 7 1.25 -3.08 5.21
N TRP A 8 1.76 -2.16 4.38
CA TRP A 8 0.93 -1.52 3.37
C TRP A 8 0.71 -2.52 2.23
N LYS A 9 -0.56 -2.79 1.98
CA LYS A 9 -0.93 -3.72 0.92
C LYS A 9 -2.45 -3.77 0.80
N LYS A 10 -3.07 -2.60 0.96
CA LYS A 10 -4.51 -2.50 0.86
C LYS A 10 -4.89 -1.76 -0.41
N ALA A 11 -4.76 -0.45 -0.37
CA ALA A 11 -5.08 0.38 -1.52
C ALA A 11 -5.08 1.86 -1.09
N LYS A 12 -6.29 2.40 -0.99
CA LYS A 12 -6.45 3.79 -0.60
C LYS A 12 -5.77 4.69 -1.65
N PRO A 14 -4.11 6.31 -5.44
CA PRO A 14 -2.88 6.09 -6.24
C PRO A 14 -1.50 6.02 -5.48
N THR A 1 -2.37 5.39 -5.38
CA THR A 1 -1.09 4.69 -5.39
C THR A 1 -0.71 4.25 -3.97
N TRP A 2 -0.60 2.95 -3.81
CA TRP A 2 -0.25 2.39 -2.51
C TRP A 2 1.27 2.25 -2.46
N LEU A 3 1.76 1.91 -1.27
CA LEU A 3 3.19 1.73 -1.07
C LEU A 3 3.53 0.24 -1.01
N LYS A 4 2.86 -0.43 -0.08
CA LYS A 4 3.07 -1.86 0.10
C LYS A 4 4.58 -2.13 0.24
N LYS A 5 5.08 -1.85 1.43
CA LYS A 5 6.50 -2.06 1.70
C LYS A 5 6.69 -3.46 2.29
N ARG A 6 6.11 -3.66 3.46
CA ARG A 6 6.21 -4.95 4.13
C ARG A 6 4.92 -5.25 4.89
N ARG A 7 4.03 -5.98 4.22
CA ARG A 7 2.76 -6.36 4.81
C ARG A 7 1.74 -5.24 4.62
N TRP A 8 2.26 -4.06 4.30
CA TRP A 8 1.41 -2.90 4.09
C TRP A 8 0.64 -3.11 2.79
N LYS A 9 -0.55 -2.53 2.74
CA LYS A 9 -1.39 -2.64 1.55
C LYS A 9 -2.60 -1.72 1.69
N LYS A 10 -2.31 -0.43 1.83
CA LYS A 10 -3.36 0.55 1.98
C LYS A 10 -3.58 1.27 0.65
N ALA A 11 -4.29 0.60 -0.24
CA ALA A 11 -4.57 1.16 -1.55
C ALA A 11 -5.11 2.59 -1.39
N LYS A 12 -6.40 2.67 -1.09
CA LYS A 12 -7.04 3.96 -0.91
C LYS A 12 -6.68 4.87 -2.09
N PRO A 14 -5.36 6.51 -5.39
CA PRO A 14 -4.28 6.48 -6.42
C PRO A 14 -3.27 5.28 -6.37
N THR A 1 -2.22 5.87 -5.29
CA THR A 1 -1.18 4.90 -5.01
C THR A 1 -1.20 4.51 -3.53
N TRP A 2 -1.27 3.20 -3.31
CA TRP A 2 -1.30 2.68 -1.95
C TRP A 2 0.14 2.47 -1.49
N LEU A 3 0.29 2.24 -0.19
CA LEU A 3 1.60 2.01 0.39
C LEU A 3 1.84 0.51 0.55
N LYS A 4 3.11 0.13 0.49
CA LYS A 4 3.49 -1.26 0.63
C LYS A 4 5.01 -1.37 0.73
N LYS A 5 5.45 -2.08 1.75
CA LYS A 5 6.88 -2.27 1.97
C LYS A 5 7.15 -3.74 2.30
N ARG A 6 6.75 -4.13 3.50
CA ARG A 6 6.95 -5.50 3.94
C ARG A 6 5.81 -5.92 4.88
N ARG A 7 4.59 -5.61 4.46
CA ARG A 7 3.42 -5.95 5.25
C ARG A 7 2.26 -5.02 4.91
N TRP A 8 2.62 -3.86 4.37
CA TRP A 8 1.61 -2.87 3.99
C TRP A 8 1.14 -3.20 2.57
N LYS A 9 -0.16 -3.10 2.38
CA LYS A 9 -0.75 -3.38 1.08
C LYS A 9 -2.22 -2.95 1.08
N LYS A 10 -2.42 -1.64 1.12
CA LYS A 10 -3.76 -1.09 1.13
C LYS A 10 -4.09 -0.56 -0.26
N ALA A 11 -5.21 0.15 -0.33
CA ALA A 11 -5.66 0.72 -1.60
C ALA A 11 -6.54 1.94 -1.32
N LYS A 12 -6.23 3.02 -2.03
CA LYS A 12 -6.98 4.26 -1.87
C LYS A 12 -6.49 5.28 -2.90
N PRO A 14 -4.80 7.29 -5.79
CA PRO A 14 -3.58 7.38 -6.64
C PRO A 14 -2.55 6.21 -6.56
N THR A 1 -1.95 6.37 -3.87
CA THR A 1 -0.81 5.48 -3.95
C THR A 1 -0.34 5.08 -2.56
N TRP A 2 -0.51 3.81 -2.25
CA TRP A 2 -0.10 3.29 -0.95
C TRP A 2 0.78 2.07 -1.18
N LEU A 3 0.27 1.16 -2.01
CA LEU A 3 1.01 -0.05 -2.32
C LEU A 3 1.20 -0.87 -1.04
N LYS A 4 1.37 -2.18 -1.23
CA LYS A 4 1.56 -3.08 -0.10
C LYS A 4 2.98 -3.65 -0.17
N LYS A 5 3.94 -2.81 0.20
CA LYS A 5 5.33 -3.23 0.19
C LYS A 5 5.62 -4.06 1.45
N ARG A 6 5.86 -3.34 2.53
CA ARG A 6 6.15 -3.99 3.81
C ARG A 6 5.46 -3.25 4.96
N ARG A 7 4.48 -3.93 5.54
CA ARG A 7 3.73 -3.36 6.64
C ARG A 7 2.59 -2.48 6.11
N TRP A 8 2.72 -2.10 4.85
CA TRP A 8 1.72 -1.26 4.21
C TRP A 8 0.54 -2.15 3.81
N LYS A 9 -0.38 -1.56 3.08
CA LYS A 9 -1.57 -2.28 2.63
C LYS A 9 -1.66 -2.19 1.11
N LYS A 10 -2.77 -2.71 0.59
CA LYS A 10 -3.00 -2.69 -0.85
C LYS A 10 -2.53 -1.35 -1.42
N ALA A 11 -3.46 -0.40 -1.45
CA ALA A 11 -3.15 0.92 -1.96
C ALA A 11 -4.36 1.83 -1.77
N LYS A 12 -5.40 1.56 -2.56
CA LYS A 12 -6.62 2.34 -2.48
C LYS A 12 -6.31 3.80 -2.81
N PRO A 14 -4.94 7.18 -4.06
CA PRO A 14 -3.74 7.87 -4.58
C PRO A 14 -2.49 7.00 -4.94
N THR A 1 -2.31 5.67 -4.95
CA THR A 1 -1.53 4.52 -5.34
C THR A 1 -0.85 3.88 -4.12
N TRP A 2 -0.91 2.56 -4.07
CA TRP A 2 -0.32 1.83 -2.97
C TRP A 2 1.13 1.51 -3.33
N LEU A 3 2.01 1.66 -2.33
CA LEU A 3 3.42 1.39 -2.53
C LEU A 3 3.73 -0.06 -2.19
N LYS A 4 3.15 -0.52 -1.09
CA LYS A 4 3.35 -1.88 -0.65
C LYS A 4 4.79 -2.06 -0.17
N LYS A 5 4.92 -2.65 1.01
CA LYS A 5 6.24 -2.88 1.59
C LYS A 5 6.11 -3.84 2.76
N ARG A 6 5.13 -3.56 3.62
CA ARG A 6 4.89 -4.38 4.79
C ARG A 6 3.67 -3.88 5.55
N ARG A 7 2.64 -3.54 4.79
CA ARG A 7 1.40 -3.06 5.37
C ARG A 7 0.64 -2.18 4.36
N TRP A 8 1.38 -1.68 3.38
CA TRP A 8 0.80 -0.84 2.35
C TRP A 8 0.29 -1.75 1.23
N LYS A 9 -0.41 -2.79 1.62
CA LYS A 9 -0.95 -3.74 0.66
C LYS A 9 -2.48 -3.80 0.82
N LYS A 10 -3.05 -2.66 1.16
CA LYS A 10 -4.49 -2.56 1.33
C LYS A 10 -5.03 -1.43 0.47
N ALA A 11 -4.16 -0.93 -0.41
CA ALA A 11 -4.55 0.15 -1.30
C ALA A 11 -5.01 1.36 -0.47
N LYS A 12 -4.19 2.40 -0.49
CA LYS A 12 -4.50 3.61 0.25
C LYS A 12 -4.55 4.80 -0.72
N PRO A 14 -4.50 7.24 -3.77
CA PRO A 14 -3.94 7.48 -5.12
C PRO A 14 -3.12 6.32 -5.79
N THR A 1 -1.71 5.56 -5.49
CA THR A 1 -1.27 4.23 -5.92
C THR A 1 -1.06 3.33 -4.70
N TRP A 2 -1.23 2.04 -4.93
CA TRP A 2 -1.07 1.06 -3.87
C TRP A 2 0.23 1.39 -3.12
N LEU A 3 0.26 0.99 -1.85
CA LEU A 3 1.42 1.24 -1.02
C LEU A 3 1.80 -0.05 -0.28
N LYS A 4 2.95 -0.58 -0.65
CA LYS A 4 3.45 -1.81 -0.04
C LYS A 4 4.93 -1.64 0.31
N LYS A 5 5.31 -2.22 1.43
CA LYS A 5 6.69 -2.15 1.87
C LYS A 5 6.95 -3.25 2.91
N ARG A 6 6.30 -3.11 4.05
CA ARG A 6 6.44 -4.08 5.12
C ARG A 6 5.07 -4.45 5.69
N ARG A 7 4.40 -5.35 5.00
CA ARG A 7 3.08 -5.80 5.43
C ARG A 7 2.00 -4.84 4.92
N TRP A 8 2.45 -3.65 4.55
CA TRP A 8 1.54 -2.63 4.05
C TRP A 8 0.87 -3.19 2.78
N LYS A 9 -0.30 -2.63 2.49
CA LYS A 9 -1.05 -3.05 1.32
C LYS A 9 -2.20 -2.07 1.07
N LYS A 10 -1.86 -0.79 1.11
CA LYS A 10 -2.87 0.25 0.90
C LYS A 10 -3.29 0.24 -0.57
N ALA A 11 -4.50 0.72 -0.80
CA ALA A 11 -5.05 0.78 -2.14
C ALA A 11 -5.83 2.09 -2.32
N LYS A 12 -6.67 2.36 -1.34
CA LYS A 12 -7.48 3.57 -1.37
C LYS A 12 -6.64 4.73 -1.91
N PRO A 14 -4.39 7.19 -3.87
CA PRO A 14 -3.34 7.30 -4.92
C PRO A 14 -2.96 5.99 -5.70
N THR A 1 -1.74 5.70 -5.39
CA THR A 1 -0.63 4.77 -5.37
C THR A 1 -0.53 4.09 -4.00
N TRP A 2 -0.46 2.77 -4.04
CA TRP A 2 -0.38 1.98 -2.82
C TRP A 2 1.11 1.79 -2.49
N LEU A 3 1.47 2.17 -1.28
CA LEU A 3 2.84 2.04 -0.82
C LEU A 3 3.02 0.71 -0.09
N LYS A 4 2.93 -0.36 -0.86
CA LYS A 4 3.08 -1.69 -0.30
C LYS A 4 4.56 -2.07 -0.27
N LYS A 5 4.99 -2.57 0.88
CA LYS A 5 6.37 -2.98 1.06
C LYS A 5 6.44 -4.19 1.99
N ARG A 6 6.08 -3.96 3.24
CA ARG A 6 6.09 -5.02 4.23
C ARG A 6 4.87 -4.91 5.13
N ARG A 7 3.81 -5.60 4.74
CA ARG A 7 2.57 -5.59 5.50
C ARG A 7 1.72 -4.37 5.13
N TRP A 8 2.39 -3.40 4.51
CA TRP A 8 1.71 -2.18 4.09
C TRP A 8 0.99 -2.47 2.77
N LYS A 9 -0.24 -1.97 2.69
CA LYS A 9 -1.05 -2.16 1.50
C LYS A 9 -2.35 -1.37 1.63
N LYS A 10 -2.21 -0.06 1.56
CA LYS A 10 -3.36 0.83 1.67
C LYS A 10 -4.35 0.51 0.56
N ALA A 11 -3.96 0.87 -0.66
CA ALA A 11 -4.81 0.64 -1.81
C ALA A 11 -5.77 1.81 -1.99
N LYS A 12 -6.31 2.26 -0.87
CA LYS A 12 -7.24 3.38 -0.89
C LYS A 12 -6.80 4.40 -1.94
N PRO A 14 -5.22 6.38 -4.92
CA PRO A 14 -4.04 6.49 -5.81
C PRO A 14 -2.99 5.33 -5.76
N THR A 1 -1.73 6.23 -4.13
CA THR A 1 -1.01 5.35 -5.04
C THR A 1 -0.03 4.47 -4.27
N TRP A 2 -0.58 3.67 -3.36
CA TRP A 2 0.23 2.78 -2.55
C TRP A 2 0.52 1.52 -3.37
N LEU A 3 1.42 0.71 -2.85
CA LEU A 3 1.79 -0.53 -3.51
C LEU A 3 1.87 -1.66 -2.49
N LYS A 4 1.10 -1.49 -1.42
CA LYS A 4 1.08 -2.50 -0.37
C LYS A 4 2.49 -3.01 -0.12
N LYS A 5 3.35 -2.11 0.33
CA LYS A 5 4.73 -2.46 0.60
C LYS A 5 4.80 -3.20 1.94
N ARG A 6 5.76 -2.77 2.76
CA ARG A 6 5.95 -3.38 4.07
C ARG A 6 5.10 -2.66 5.12
N ARG A 7 4.14 -3.40 5.67
CA ARG A 7 3.25 -2.86 6.67
C ARG A 7 2.09 -2.12 6.01
N TRP A 8 2.27 -1.80 4.74
CA TRP A 8 1.24 -1.10 3.99
C TRP A 8 0.39 -2.14 3.26
N LYS A 9 -0.90 -2.07 3.50
CA LYS A 9 -1.83 -3.00 2.88
C LYS A 9 -2.11 -2.57 1.44
N LYS A 10 -3.14 -3.15 0.87
CA LYS A 10 -3.52 -2.83 -0.50
C LYS A 10 -3.28 -1.34 -0.74
N ALA A 11 -2.87 -1.03 -1.98
CA ALA A 11 -2.61 0.35 -2.35
C ALA A 11 -3.72 1.24 -1.79
N LYS A 12 -4.83 1.27 -2.50
CA LYS A 12 -5.96 2.08 -2.09
C LYS A 12 -5.55 3.56 -2.06
N PRO A 14 -4.23 7.11 -2.56
CA PRO A 14 -3.27 7.92 -3.36
C PRO A 14 -2.53 7.22 -4.55
N THR A 1 -3.80 6.21 -2.93
CA THR A 1 -3.90 5.95 -1.50
C THR A 1 -2.60 5.35 -0.96
N TRP A 2 -2.76 4.36 -0.09
CA TRP A 2 -1.61 3.70 0.50
C TRP A 2 -0.79 3.08 -0.63
N LEU A 3 0.32 2.48 -0.25
CA LEU A 3 1.22 1.85 -1.21
C LEU A 3 1.85 0.61 -0.59
N LYS A 4 1.22 -0.53 -0.82
CA LYS A 4 1.71 -1.79 -0.29
C LYS A 4 3.20 -1.92 -0.62
N LYS A 5 4.00 -2.05 0.43
CA LYS A 5 5.44 -2.19 0.26
C LYS A 5 5.92 -3.43 1.03
N ARG A 6 5.95 -3.30 2.34
CA ARG A 6 6.37 -4.40 3.20
C ARG A 6 5.78 -4.25 4.59
N ARG A 7 4.47 -4.07 4.63
CA ARG A 7 3.78 -3.91 5.90
C ARG A 7 2.45 -3.16 5.69
N TRP A 8 2.40 -2.41 4.60
CA TRP A 8 1.22 -1.64 4.27
C TRP A 8 0.25 -2.56 3.52
N LYS A 9 -0.93 -2.04 3.26
CA LYS A 9 -1.96 -2.80 2.55
C LYS A 9 -2.97 -1.84 1.93
N LYS A 10 -3.90 -2.40 1.19
CA LYS A 10 -4.93 -1.61 0.54
C LYS A 10 -4.33 -0.28 0.08
N ALA A 11 -3.69 -0.31 -1.08
CA ALA A 11 -3.07 0.88 -1.63
C ALA A 11 -3.88 1.35 -2.84
N LYS A 12 -4.05 0.45 -3.79
CA LYS A 12 -4.81 0.77 -5.00
C LYS A 12 -4.46 2.19 -5.44
N PRO A 14 -3.22 5.90 -5.74
CA PRO A 14 -2.89 7.14 -5.00
C PRO A 14 -2.88 7.07 -3.43
N THR A 1 -1.91 6.41 -5.61
CA THR A 1 -0.72 5.77 -5.09
C THR A 1 -1.02 5.13 -3.73
N TRP A 2 -0.66 3.85 -3.61
CA TRP A 2 -0.89 3.12 -2.37
C TRP A 2 0.41 3.16 -1.56
N LEU A 3 1.46 2.62 -2.16
CA LEU A 3 2.76 2.59 -1.51
C LEU A 3 2.78 1.46 -0.48
N LYS A 4 1.68 0.73 -0.43
CA LYS A 4 1.55 -0.38 0.51
C LYS A 4 2.42 -1.54 0.03
N LYS A 5 3.71 -1.44 0.33
CA LYS A 5 4.65 -2.47 -0.06
C LYS A 5 5.36 -3.01 1.18
N ARG A 6 4.57 -3.63 2.05
CA ARG A 6 5.09 -4.19 3.28
C ARG A 6 3.95 -4.71 4.16
N ARG A 7 4.20 -4.71 5.46
CA ARG A 7 3.21 -5.17 6.41
C ARG A 7 1.84 -4.58 6.09
N TRP A 8 1.87 -3.45 5.38
CA TRP A 8 0.64 -2.77 5.01
C TRP A 8 0.01 -3.55 3.86
N LYS A 9 0.53 -3.30 2.67
CA LYS A 9 0.04 -3.96 1.47
C LYS A 9 -1.49 -4.06 1.55
N LYS A 10 -2.15 -3.01 1.10
CA LYS A 10 -3.60 -2.97 1.11
C LYS A 10 -4.10 -2.13 -0.06
N ALA A 11 -4.01 -0.82 0.11
CA ALA A 11 -4.44 0.11 -0.92
C ALA A 11 -4.71 1.47 -0.30
N LYS A 12 -4.72 2.48 -1.15
CA LYS A 12 -4.97 3.85 -0.69
C LYS A 12 -4.78 4.81 -1.85
N PRO A 14 -4.66 6.55 -5.98
CA PRO A 14 -3.77 6.44 -7.17
C PRO A 14 -2.23 6.43 -6.92
N THR A 1 -2.14 5.85 -5.50
CA THR A 1 -0.97 4.99 -5.32
C THR A 1 -0.60 4.90 -3.83
N TRP A 2 0.03 3.79 -3.48
CA TRP A 2 0.45 3.57 -2.11
C TRP A 2 1.90 3.09 -2.13
N LEU A 3 2.28 2.44 -1.04
CA LEU A 3 3.63 1.93 -0.91
C LEU A 3 3.62 0.66 -0.05
N LYS A 4 3.15 -0.42 -0.66
CA LYS A 4 3.07 -1.69 0.04
C LYS A 4 4.47 -2.09 0.52
N LYS A 5 5.12 -2.93 -0.28
CA LYS A 5 6.46 -3.39 0.04
C LYS A 5 6.53 -3.69 1.55
N ARG A 6 5.49 -4.34 2.04
CA ARG A 6 5.43 -4.69 3.45
C ARG A 6 3.99 -5.01 3.85
N ARG A 7 3.78 -5.09 5.16
CA ARG A 7 2.46 -5.38 5.69
C ARG A 7 1.45 -4.36 5.18
N TRP A 8 1.97 -3.25 4.68
CA TRP A 8 1.12 -2.19 4.15
C TRP A 8 0.47 -2.69 2.87
N LYS A 9 -0.85 -2.71 2.88
CA LYS A 9 -1.61 -3.17 1.72
C LYS A 9 -2.92 -2.39 1.63
N LYS A 10 -2.94 -1.25 2.32
CA LYS A 10 -4.12 -0.41 2.33
C LYS A 10 -3.96 0.70 1.29
N ALA A 11 -3.81 0.28 0.04
CA ALA A 11 -3.65 1.24 -1.05
C ALA A 11 -4.62 2.40 -0.85
N LYS A 12 -5.85 2.17 -1.27
CA LYS A 12 -6.88 3.20 -1.14
C LYS A 12 -6.65 4.28 -2.20
N PRO A 14 -5.42 6.34 -5.39
CA PRO A 14 -4.32 6.57 -6.37
C PRO A 14 -3.13 5.56 -6.37
N THR A 1 -0.68 5.99 -5.57
CA THR A 1 -0.11 4.66 -5.49
C THR A 1 -0.34 4.07 -4.09
N TRP A 2 -0.79 2.83 -4.08
CA TRP A 2 -1.07 2.13 -2.83
C TRP A 2 0.28 1.78 -2.19
N LEU A 3 0.40 2.14 -0.92
CA LEU A 3 1.62 1.87 -0.18
C LEU A 3 1.80 0.36 -0.04
N LYS A 4 2.89 -0.01 0.62
CA LYS A 4 3.19 -1.42 0.83
C LYS A 4 4.35 -1.54 1.81
N LYS A 5 5.47 -0.95 1.43
CA LYS A 5 6.67 -0.99 2.26
C LYS A 5 7.14 -2.44 2.40
N ARG A 6 6.44 -3.18 3.25
CA ARG A 6 6.77 -4.58 3.47
C ARG A 6 5.81 -5.20 4.49
N ARG A 7 4.54 -5.16 4.15
CA ARG A 7 3.51 -5.71 5.02
C ARG A 7 2.16 -5.04 4.73
N TRP A 8 2.24 -3.85 4.16
CA TRP A 8 1.04 -3.10 3.84
C TRP A 8 0.66 -3.41 2.38
N LYS A 9 -0.60 -3.15 2.06
CA LYS A 9 -1.10 -3.40 0.72
C LYS A 9 -2.55 -2.93 0.63
N LYS A 10 -2.79 -1.72 1.13
CA LYS A 10 -4.12 -1.15 1.10
C LYS A 10 -4.41 -0.60 -0.29
N ALA A 11 -5.38 0.30 -0.35
CA ALA A 11 -5.77 0.92 -1.61
C ALA A 11 -6.00 2.41 -1.39
N LYS A 12 -7.26 2.77 -1.25
CA LYS A 12 -7.63 4.16 -1.04
C LYS A 12 -6.80 5.04 -1.98
N PRO A 14 -4.44 6.44 -5.55
CA PRO A 14 -3.05 6.24 -6.04
C PRO A 14 -1.89 6.25 -4.98
N THR A 1 -2.54 6.11 -5.73
CA THR A 1 -1.38 6.15 -4.87
C THR A 1 -1.63 5.34 -3.60
N TRP A 2 -1.35 4.05 -3.70
CA TRP A 2 -1.53 3.15 -2.58
C TRP A 2 -0.22 3.07 -1.80
N LEU A 3 0.79 2.51 -2.45
CA LEU A 3 2.10 2.38 -1.85
C LEU A 3 2.04 1.31 -0.76
N LYS A 4 3.03 1.35 0.13
CA LYS A 4 3.10 0.40 1.22
C LYS A 4 3.40 -1.00 0.66
N LYS A 5 4.26 -1.70 1.37
CA LYS A 5 4.64 -3.04 0.97
C LYS A 5 4.81 -3.93 2.20
N ARG A 6 4.81 -5.23 1.97
CA ARG A 6 4.96 -6.18 3.05
C ARG A 6 3.77 -6.11 4.00
N ARG A 7 4.02 -6.46 5.25
CA ARG A 7 2.97 -6.44 6.26
C ARG A 7 2.08 -5.21 6.08
N TRP A 8 2.68 -4.17 5.53
CA TRP A 8 1.96 -2.92 5.29
C TRP A 8 1.08 -3.12 4.06
N LYS A 9 1.59 -2.65 2.92
CA LYS A 9 0.86 -2.76 1.67
C LYS A 9 -0.61 -2.39 1.90
N LYS A 10 -0.90 -1.12 1.65
CA LYS A 10 -2.26 -0.62 1.81
C LYS A 10 -2.80 -0.17 0.45
N ALA A 11 -4.11 0.01 0.42
CA ALA A 11 -4.78 0.43 -0.81
C ALA A 11 -5.55 1.72 -0.54
N LYS A 12 -5.54 2.59 -1.55
CA LYS A 12 -6.24 3.85 -1.44
C LYS A 12 -5.93 4.70 -2.67
N PRO A 14 -5.09 6.13 -6.77
CA PRO A 14 -3.92 6.10 -7.70
C PRO A 14 -2.49 6.24 -7.07
N THR A 1 -2.70 6.03 -3.54
CA THR A 1 -2.05 4.73 -3.70
C THR A 1 -0.74 4.68 -2.91
N TRP A 2 -0.51 3.54 -2.29
CA TRP A 2 0.69 3.35 -1.49
C TRP A 2 1.65 2.47 -2.29
N LEU A 3 1.56 1.17 -2.03
CA LEU A 3 2.41 0.21 -2.72
C LEU A 3 1.98 -1.21 -2.33
N LYS A 4 2.05 -1.48 -1.04
CA LYS A 4 1.68 -2.79 -0.53
C LYS A 4 2.89 -3.71 -0.56
N LYS A 5 3.67 -3.66 0.50
CA LYS A 5 4.86 -4.47 0.61
C LYS A 5 5.11 -4.84 2.09
N ARG A 6 5.62 -3.87 2.82
CA ARG A 6 5.90 -4.07 4.23
C ARG A 6 5.18 -3.00 5.07
N ARG A 7 4.08 -3.41 5.68
CA ARG A 7 3.30 -2.51 6.51
C ARG A 7 2.35 -1.68 5.64
N TRP A 8 2.64 -1.66 4.34
CA TRP A 8 1.83 -0.92 3.41
C TRP A 8 0.69 -1.83 2.94
N LYS A 9 -0.51 -1.27 2.92
CA LYS A 9 -1.68 -2.02 2.51
C LYS A 9 -1.80 -1.98 0.98
N LYS A 10 -2.95 -2.42 0.49
CA LYS A 10 -3.20 -2.43 -0.94
C LYS A 10 -2.68 -1.14 -1.55
N ALA A 11 -3.32 -0.04 -1.18
CA ALA A 11 -2.94 1.27 -1.69
C ALA A 11 -4.08 2.26 -1.44
N LYS A 12 -5.30 1.73 -1.43
CA LYS A 12 -6.47 2.55 -1.21
C LYS A 12 -6.34 3.85 -2.02
N PRO A 14 -5.25 6.83 -4.21
CA PRO A 14 -4.10 7.60 -4.72
C PRO A 14 -2.66 7.03 -4.45
N THR A 1 -1.94 5.88 -5.35
CA THR A 1 -1.28 4.60 -5.31
C THR A 1 -1.41 3.97 -3.91
N TRP A 2 -1.54 2.65 -3.90
CA TRP A 2 -1.69 1.93 -2.66
C TRP A 2 -0.42 2.17 -1.83
N LEU A 3 0.72 1.83 -2.42
CA LEU A 3 1.99 2.00 -1.76
C LEU A 3 2.08 1.04 -0.58
N LYS A 4 3.07 0.15 -0.64
CA LYS A 4 3.26 -0.83 0.42
C LYS A 4 4.72 -0.78 0.88
N LYS A 5 5.06 -1.73 1.74
CA LYS A 5 6.42 -1.81 2.26
C LYS A 5 6.68 -3.23 2.77
N ARG A 6 6.38 -3.42 4.06
CA ARG A 6 6.57 -4.72 4.67
C ARG A 6 5.29 -5.18 5.37
N ARG A 7 4.56 -6.04 4.68
CA ARG A 7 3.32 -6.56 5.21
C ARG A 7 2.17 -5.60 4.92
N TRP A 8 2.54 -4.36 4.59
CA TRP A 8 1.56 -3.34 4.28
C TRP A 8 1.04 -3.58 2.86
N LYS A 9 -0.18 -3.14 2.63
CA LYS A 9 -0.79 -3.31 1.31
C LYS A 9 -2.11 -2.54 1.27
N LYS A 10 -2.05 -1.27 1.66
CA LYS A 10 -3.22 -0.43 1.68
C LYS A 10 -3.88 -0.46 0.29
N ALA A 11 -4.88 0.41 0.13
CA ALA A 11 -5.59 0.49 -1.13
C ALA A 11 -6.23 1.88 -1.26
N LYS A 12 -6.88 2.09 -2.40
CA LYS A 12 -7.53 3.36 -2.65
C LYS A 12 -6.48 4.42 -3.00
N PRO A 14 -4.19 7.60 -5.19
CA PRO A 14 -3.27 7.67 -6.35
C PRO A 14 -2.18 6.55 -6.49
N THR A 1 -2.41 6.76 -3.55
CA THR A 1 -1.65 6.44 -2.36
C THR A 1 -1.18 4.98 -2.39
N TRP A 2 -1.27 4.33 -1.24
CA TRP A 2 -0.86 2.94 -1.13
C TRP A 2 0.60 2.84 -1.59
N LEU A 3 1.21 1.71 -1.27
CA LEU A 3 2.60 1.47 -1.65
C LEU A 3 3.05 0.13 -1.08
N LYS A 4 2.40 -0.92 -1.52
CA LYS A 4 2.72 -2.26 -1.08
C LYS A 4 4.24 -2.39 -0.94
N LYS A 5 4.66 -2.77 0.26
CA LYS A 5 6.09 -2.94 0.53
C LYS A 5 6.26 -3.87 1.74
N ARG A 6 6.09 -3.29 2.92
CA ARG A 6 6.23 -4.05 4.15
C ARG A 6 5.11 -3.68 5.13
N ARG A 7 4.14 -4.58 5.23
CA ARG A 7 3.02 -4.35 6.13
C ARG A 7 1.95 -3.50 5.45
N TRP A 8 2.37 -2.84 4.38
CA TRP A 8 1.46 -1.99 3.62
C TRP A 8 0.68 -2.88 2.65
N LYS A 9 -0.65 -2.80 2.77
CA LYS A 9 -1.52 -3.59 1.91
C LYS A 9 -2.88 -2.90 1.80
N LYS A 10 -2.86 -1.59 2.02
CA LYS A 10 -4.08 -0.80 1.94
C LYS A 10 -4.12 -0.05 0.61
N ALA A 11 -4.66 -0.73 -0.39
CA ALA A 11 -4.76 -0.13 -1.72
C ALA A 11 -5.98 0.80 -1.77
N LYS A 12 -5.81 1.89 -2.50
CA LYS A 12 -6.88 2.87 -2.63
C LYS A 12 -6.39 4.03 -3.49
N PRO A 14 -4.25 6.69 -5.70
CA PRO A 14 -2.94 7.39 -5.81
C PRO A 14 -1.85 7.06 -4.73
N THR A 1 -2.13 5.90 -4.85
CA THR A 1 -0.95 5.70 -4.02
C THR A 1 -1.26 4.69 -2.91
N TRP A 2 -1.00 3.43 -3.20
CA TRP A 2 -1.25 2.37 -2.24
C TRP A 2 0.06 2.13 -1.47
N LEU A 3 0.98 1.44 -2.12
CA LEU A 3 2.26 1.13 -1.50
C LEU A 3 2.09 -0.03 -0.53
N LYS A 4 3.17 -0.77 -0.34
CA LYS A 4 3.16 -1.91 0.55
C LYS A 4 4.32 -1.79 1.55
N LYS A 5 5.52 -1.98 1.03
CA LYS A 5 6.72 -1.89 1.87
C LYS A 5 6.81 -3.14 2.74
N ARG A 6 5.91 -3.20 3.71
CA ARG A 6 5.88 -4.33 4.63
C ARG A 6 4.47 -4.92 4.69
N ARG A 7 3.96 -5.29 3.53
CA ARG A 7 2.63 -5.88 3.44
C ARG A 7 1.56 -4.78 3.60
N TRP A 8 2.03 -3.58 3.91
CA TRP A 8 1.14 -2.46 4.09
C TRP A 8 0.57 -2.08 2.72
N LYS A 9 -0.09 -3.05 2.11
CA LYS A 9 -0.69 -2.83 0.80
C LYS A 9 -2.08 -2.22 0.97
N LYS A 10 -2.11 -1.03 1.55
CA LYS A 10 -3.36 -0.34 1.77
C LYS A 10 -3.86 0.25 0.45
N ALA A 11 -4.83 -0.44 -0.13
CA ALA A 11 -5.41 -0.01 -1.39
C ALA A 11 -6.30 1.21 -1.14
N LYS A 12 -5.70 2.38 -1.28
CA LYS A 12 -6.42 3.62 -1.08
C LYS A 12 -5.93 4.67 -2.08
N PRO A 14 -4.64 6.78 -5.73
CA PRO A 14 -3.49 6.76 -6.67
C PRO A 14 -2.08 6.44 -6.08
#